data_6WUD
#
_entry.id   6WUD
#
_cell.length_a   100.650
_cell.length_b   100.650
_cell.length_c   49.723
_cell.angle_alpha   90.000
_cell.angle_beta   90.000
_cell.angle_gamma   120.000
#
_symmetry.space_group_name_H-M   'P 32 2 1'
#
loop_
_entity.id
_entity.type
_entity.pdbx_description
1 polymer 'Calcium and integrin-binding family member 3'
2 polymer 'Transmembrane channel-like protein 1'
3 non-polymer 'MAGNESIUM ION'
4 water water
#
loop_
_entity_poly.entity_id
_entity_poly.type
_entity_poly.pdbx_seq_one_letter_code
_entity_poly.pdbx_strand_id
1 'polypeptide(L)'
;GSHMMGNKQTVFTHEQLEAYQDCTFFTRKEIMRLFYRYQDLAPQLVPLDYTTCPDVKVPYELIGSMPELKDNPFRQRIAQ
VFSEDGDGHMTLDNFLDMFSVMSEMAPRDLKAYYAFKIYDFNNDDYICAWDLEQTVTKLTRGELSAEEVSLVCEKVLDEA
DGDHDGRLSLEDFQNMILRAPDFLSTFHIRI
;
A
2 'polypeptide(L)' GGGDDNTFNFSWKVFCSWDYLIGNPETADNKFNSITMNFKEAIIEERAAQVEENI B
#
loop_
_chem_comp.id
_chem_comp.type
_chem_comp.name
_chem_comp.formula
MG non-polymer 'MAGNESIUM ION' 'Mg 2'
#
# COMPACT_ATOMS: atom_id res chain seq x y z
N GLN A 9 31.97 -18.35 0.97
CA GLN A 9 31.04 -18.03 2.06
C GLN A 9 30.48 -16.61 1.98
N THR A 10 29.66 -16.29 0.96
CA THR A 10 29.08 -14.96 0.84
C THR A 10 27.65 -15.04 0.29
N VAL A 11 26.77 -14.14 0.73
CA VAL A 11 25.41 -14.14 0.17
C VAL A 11 25.43 -13.54 -1.24
N PHE A 12 26.12 -12.41 -1.39
CA PHE A 12 26.11 -11.63 -2.64
C PHE A 12 27.53 -11.34 -3.11
N THR A 13 27.69 -11.06 -4.40
CA THR A 13 28.91 -10.44 -4.92
C THR A 13 28.91 -8.95 -4.63
N HIS A 14 30.11 -8.34 -4.71
CA HIS A 14 30.14 -6.88 -4.54
C HIS A 14 29.26 -6.20 -5.58
N GLU A 15 29.31 -6.67 -6.83
CA GLU A 15 28.50 -6.08 -7.89
C GLU A 15 27.00 -6.18 -7.61
N GLN A 16 26.54 -7.32 -7.07
CA GLN A 16 25.12 -7.45 -6.77
C GLN A 16 24.68 -6.48 -5.69
N LEU A 17 25.48 -6.33 -4.65
CA LEU A 17 25.12 -5.40 -3.58
C LEU A 17 25.17 -3.95 -4.07
N GLU A 18 26.13 -3.64 -4.93
CA GLU A 18 26.22 -2.30 -5.48
C GLU A 18 24.96 -2.02 -6.27
N ALA A 19 24.48 -3.02 -7.00
CA ALA A 19 23.29 -2.86 -7.82
C ALA A 19 22.03 -2.66 -6.97
N TYR A 20 21.89 -3.40 -5.87
CA TYR A 20 20.73 -3.18 -5.00
C TYR A 20 20.73 -1.79 -4.39
N GLN A 21 21.89 -1.33 -3.95
CA GLN A 21 22.01 0.03 -3.45
C GLN A 21 21.63 1.05 -4.50
N ASP A 22 21.99 0.79 -5.74
CA ASP A 22 21.67 1.69 -6.84
C ASP A 22 20.18 1.78 -7.15
N CYS A 23 19.45 0.69 -6.92
CA CYS A 23 18.03 0.69 -7.30
C CYS A 23 17.07 0.73 -6.11
N THR A 24 17.57 0.89 -4.89
CA THR A 24 16.72 0.99 -3.69
C THR A 24 17.21 2.19 -2.87
N PHE A 25 16.47 2.53 -1.83
CA PHE A 25 16.92 3.56 -0.90
C PHE A 25 17.65 2.95 0.29
N PHE A 26 18.17 1.73 0.17
CA PHE A 26 18.76 1.04 1.30
C PHE A 26 20.29 1.09 1.24
N THR A 27 20.89 1.16 2.41
CA THR A 27 22.34 0.96 2.54
C THR A 27 22.70 -0.51 2.31
N ARG A 28 24.00 -0.76 2.09
CA ARG A 28 24.46 -2.13 1.96
C ARG A 28 24.08 -2.96 3.21
N LYS A 29 24.29 -2.39 4.40
CA LYS A 29 23.92 -3.10 5.62
C LYS A 29 22.43 -3.41 5.69
N GLU A 30 21.57 -2.49 5.28
CA GLU A 30 20.13 -2.72 5.28
C GLU A 30 19.74 -3.81 4.28
N ILE A 31 20.36 -3.86 3.12
CA ILE A 31 20.07 -4.90 2.15
C ILE A 31 20.38 -6.27 2.77
N MET A 32 21.49 -6.37 3.49
CA MET A 32 21.80 -7.62 4.18
C MET A 32 20.73 -7.98 5.20
N ARG A 33 20.31 -7.02 6.02
CA ARG A 33 19.29 -7.31 7.05
C ARG A 33 17.98 -7.73 6.41
N LEU A 34 17.55 -7.01 5.35
CA LEU A 34 16.32 -7.36 4.68
C LEU A 34 16.44 -8.71 3.96
N PHE A 35 17.60 -9.02 3.38
CA PHE A 35 17.77 -10.36 2.81
C PHE A 35 17.46 -11.45 3.85
N TYR A 36 18.01 -11.32 5.07
CA TYR A 36 17.74 -12.34 6.08
C TYR A 36 16.26 -12.35 6.51
N ARG A 37 15.61 -11.19 6.49
CA ARG A 37 14.17 -11.20 6.73
C ARG A 37 13.46 -12.04 5.67
N TYR A 38 13.85 -11.88 4.39
CA TYR A 38 13.24 -12.62 3.28
C TYR A 38 13.54 -14.11 3.37
N GLN A 39 14.80 -14.47 3.62
CA GLN A 39 15.19 -15.85 3.70
C GLN A 39 14.49 -16.56 4.86
N ASP A 40 14.33 -15.86 5.98
CA ASP A 40 13.68 -16.42 7.17
C ASP A 40 12.20 -16.71 6.96
N LEU A 41 11.57 -16.12 5.94
CA LEU A 41 10.16 -16.42 5.68
C LEU A 41 9.98 -17.86 5.20
N ALA A 42 10.98 -18.39 4.50
CA ALA A 42 10.87 -19.70 3.86
C ALA A 42 12.26 -20.29 3.72
N PRO A 43 12.85 -20.72 4.85
CA PRO A 43 14.26 -21.11 4.83
C PRO A 43 14.54 -22.38 4.05
N GLN A 44 13.53 -23.19 3.76
CA GLN A 44 13.71 -24.34 2.88
C GLN A 44 13.52 -24.00 1.40
N LEU A 45 13.06 -22.80 1.08
CA LEU A 45 12.94 -22.36 -0.30
C LEU A 45 14.04 -21.40 -0.73
N VAL A 46 14.43 -20.44 0.11
CA VAL A 46 15.35 -19.36 -0.27
C VAL A 46 16.79 -19.81 0.01
N PRO A 47 17.67 -19.83 -1.00
CA PRO A 47 19.06 -20.23 -0.72
C PRO A 47 19.82 -19.14 0.01
N LEU A 48 20.82 -19.58 0.76
CA LEU A 48 21.73 -18.66 1.42
C LEU A 48 22.82 -18.04 0.50
N ASP A 49 23.06 -18.56 -0.71
CA ASP A 49 24.05 -17.98 -1.59
C ASP A 49 23.32 -17.42 -2.81
N TYR A 50 23.27 -16.11 -2.95
CA TYR A 50 22.61 -15.50 -4.09
C TYR A 50 23.56 -15.27 -5.26
N THR A 51 24.84 -15.55 -5.08
CA THR A 51 25.76 -15.45 -6.22
C THR A 51 25.42 -16.46 -7.30
N THR A 52 24.60 -17.48 -6.98
CA THR A 52 24.08 -18.41 -7.98
C THR A 52 23.00 -17.80 -8.87
N CYS A 53 22.55 -16.58 -8.57
CA CYS A 53 21.49 -15.91 -9.31
C CYS A 53 20.24 -16.79 -9.42
N PRO A 54 19.71 -17.23 -8.28
CA PRO A 54 18.54 -18.12 -8.31
C PRO A 54 17.28 -17.37 -8.72
N ASP A 55 16.34 -18.14 -9.25
CA ASP A 55 15.03 -17.66 -9.66
C ASP A 55 14.02 -18.28 -8.67
N VAL A 56 13.80 -17.59 -7.54
CA VAL A 56 13.05 -18.13 -6.41
C VAL A 56 12.03 -17.08 -5.97
N LYS A 57 10.82 -17.54 -5.66
CA LYS A 57 9.78 -16.67 -5.12
C LYS A 57 9.28 -17.21 -3.78
N VAL A 58 9.12 -16.34 -2.80
CA VAL A 58 8.42 -16.68 -1.55
C VAL A 58 6.93 -16.54 -1.82
N PRO A 59 6.11 -17.51 -1.47
CA PRO A 59 4.68 -17.40 -1.78
C PRO A 59 3.98 -16.31 -0.96
N TYR A 60 2.93 -15.76 -1.59
CA TYR A 60 2.19 -14.63 -1.04
C TYR A 60 1.75 -14.89 0.41
N GLU A 61 1.30 -16.11 0.71
CA GLU A 61 0.75 -16.43 2.03
C GLU A 61 1.77 -16.10 3.14
N LEU A 62 3.07 -16.29 2.85
CA LEU A 62 4.12 -16.02 3.84
C LEU A 62 4.49 -14.54 3.85
N ILE A 63 4.31 -13.86 2.71
CA ILE A 63 4.55 -12.42 2.64
C ILE A 63 3.45 -11.68 3.40
N GLY A 64 2.19 -12.00 3.10
CA GLY A 64 1.07 -11.30 3.71
C GLY A 64 0.92 -11.55 5.21
N SER A 65 1.55 -12.61 5.73
CA SER A 65 1.48 -12.89 7.14
C SER A 65 2.70 -12.37 7.90
N MET A 66 3.62 -11.68 7.23
CA MET A 66 4.72 -10.99 7.90
C MET A 66 4.22 -9.96 8.92
N PRO A 67 4.96 -9.73 10.01
CA PRO A 67 4.49 -8.75 10.99
C PRO A 67 4.20 -7.38 10.37
N GLU A 68 5.00 -6.96 9.40
CA GLU A 68 4.86 -5.62 8.84
C GLU A 68 3.65 -5.46 7.92
N LEU A 69 3.01 -6.55 7.52
CA LEU A 69 1.89 -6.50 6.60
C LEU A 69 0.63 -7.16 7.14
N LYS A 70 0.76 -8.05 8.11
CA LYS A 70 -0.33 -8.97 8.44
C LYS A 70 -1.63 -8.25 8.84
N ASP A 71 -1.54 -7.06 9.44
CA ASP A 71 -2.72 -6.33 9.90
C ASP A 71 -3.17 -5.25 8.91
N ASN A 72 -2.55 -5.17 7.76
CA ASN A 72 -2.90 -4.16 6.76
C ASN A 72 -4.05 -4.68 5.91
N PRO A 73 -5.20 -3.98 5.85
CA PRO A 73 -6.30 -4.49 4.98
C PRO A 73 -5.92 -4.55 3.50
N PHE A 74 -4.89 -3.83 3.08
CA PHE A 74 -4.44 -3.77 1.68
C PHE A 74 -3.23 -4.66 1.41
N ARG A 75 -2.90 -5.56 2.34
CA ARG A 75 -1.70 -6.36 2.23
C ARG A 75 -1.65 -7.18 0.94
N GLN A 76 -2.77 -7.80 0.56
CA GLN A 76 -2.75 -8.58 -0.68
C GLN A 76 -2.50 -7.69 -1.89
N ARG A 77 -3.15 -6.53 -1.96
CA ARG A 77 -2.90 -5.61 -3.07
C ARG A 77 -1.44 -5.11 -3.10
N ILE A 78 -0.86 -4.77 -1.93
CA ILE A 78 0.52 -4.31 -1.88
C ILE A 78 1.46 -5.38 -2.45
N ALA A 79 1.26 -6.65 -2.04
CA ALA A 79 2.13 -7.70 -2.53
C ALA A 79 1.90 -7.95 -4.00
N GLN A 80 0.65 -7.89 -4.45
CA GLN A 80 0.35 -8.03 -5.88
C GLN A 80 1.09 -6.98 -6.68
N VAL A 81 1.01 -5.72 -6.25
CA VAL A 81 1.58 -4.63 -7.04
C VAL A 81 3.09 -4.78 -7.18
N PHE A 82 3.78 -5.24 -6.12
CA PHE A 82 5.24 -5.34 -6.19
C PHE A 82 5.74 -6.68 -6.69
N SER A 83 4.89 -7.70 -6.72
CA SER A 83 5.30 -9.02 -7.17
C SER A 83 5.56 -9.08 -8.68
N GLU A 84 6.45 -9.98 -9.06
CA GLU A 84 6.86 -10.08 -10.45
C GLU A 84 5.69 -10.29 -11.40
N ASP A 85 4.76 -11.18 -11.05
CA ASP A 85 3.67 -11.56 -11.95
C ASP A 85 2.28 -11.08 -11.49
N GLY A 86 2.21 -10.26 -10.45
CA GLY A 86 0.96 -9.70 -9.99
C GLY A 86 0.12 -10.60 -9.12
N ASP A 87 0.68 -11.74 -8.68
CA ASP A 87 -0.02 -12.73 -7.87
C ASP A 87 0.44 -12.72 -6.42
N GLY A 88 1.40 -11.86 -6.06
CA GLY A 88 1.82 -11.67 -4.71
C GLY A 88 3.00 -12.53 -4.29
N HIS A 89 3.45 -13.43 -5.15
CA HIS A 89 4.64 -14.25 -4.91
C HIS A 89 5.89 -13.46 -5.30
N MET A 90 6.85 -13.35 -4.40
CA MET A 90 7.87 -12.31 -4.49
C MET A 90 9.29 -12.86 -4.57
N THR A 91 10.02 -12.39 -5.58
CA THR A 91 11.46 -12.57 -5.59
C THR A 91 12.10 -11.65 -4.55
N LEU A 92 13.37 -11.88 -4.27
CA LEU A 92 14.10 -10.93 -3.44
C LEU A 92 14.01 -9.51 -4.00
N ASP A 93 14.22 -9.36 -5.31
CA ASP A 93 14.14 -8.03 -5.91
C ASP A 93 12.78 -7.38 -5.63
N ASN A 94 11.69 -8.15 -5.73
CA ASN A 94 10.36 -7.62 -5.50
C ASN A 94 10.20 -7.14 -4.06
N PHE A 95 10.68 -7.96 -3.12
CA PHE A 95 10.62 -7.68 -1.68
C PHE A 95 11.37 -6.42 -1.33
N LEU A 96 12.62 -6.30 -1.82
CA LEU A 96 13.39 -5.09 -1.59
C LEU A 96 12.68 -3.90 -2.20
N ASP A 97 12.13 -4.05 -3.41
CA ASP A 97 11.46 -2.93 -4.05
C ASP A 97 10.29 -2.46 -3.21
N MET A 98 9.50 -3.39 -2.68
CA MET A 98 8.34 -3.04 -1.86
C MET A 98 8.73 -2.24 -0.63
N PHE A 99 9.67 -2.74 0.16
CA PHE A 99 10.06 -2.02 1.36
C PHE A 99 10.81 -0.73 1.04
N SER A 100 11.47 -0.67 -0.12
CA SER A 100 12.17 0.55 -0.50
C SER A 100 11.17 1.67 -0.79
N VAL A 101 10.17 1.38 -1.61
CA VAL A 101 9.13 2.36 -1.93
C VAL A 101 8.38 2.77 -0.67
N MET A 102 8.12 1.82 0.24
CA MET A 102 7.34 2.13 1.43
C MET A 102 8.16 2.76 2.54
N SER A 103 9.48 2.82 2.39
CA SER A 103 10.34 3.39 3.42
C SER A 103 10.15 4.91 3.57
N GLU A 104 10.59 5.45 4.69
CA GLU A 104 10.46 6.87 4.97
C GLU A 104 11.29 7.74 4.02
N MET A 105 12.30 7.16 3.39
CA MET A 105 13.17 7.90 2.49
C MET A 105 12.64 8.01 1.07
N ALA A 106 11.59 7.26 0.71
CA ALA A 106 11.11 7.30 -0.66
C ALA A 106 10.41 8.61 -0.93
N PRO A 107 10.63 9.23 -2.09
CA PRO A 107 10.00 10.52 -2.35
C PRO A 107 8.50 10.42 -2.54
N ARG A 108 7.83 11.55 -2.28
CA ARG A 108 6.38 11.53 -2.22
C ARG A 108 5.77 11.18 -3.56
N ASP A 109 6.39 11.61 -4.66
CA ASP A 109 5.79 11.31 -5.97
C ASP A 109 5.87 9.82 -6.30
N LEU A 110 6.96 9.15 -5.93
CA LEU A 110 7.06 7.71 -6.08
C LEU A 110 5.99 7.00 -5.24
N LYS A 111 5.80 7.44 -3.99
CA LYS A 111 4.81 6.82 -3.13
C LYS A 111 3.40 7.03 -3.69
N ALA A 112 3.11 8.23 -4.18
CA ALA A 112 1.77 8.48 -4.71
C ALA A 112 1.51 7.59 -5.91
N TYR A 113 2.54 7.33 -6.71
CA TYR A 113 2.39 6.49 -7.88
C TYR A 113 1.99 5.08 -7.47
N TYR A 114 2.68 4.52 -6.48
CA TYR A 114 2.38 3.16 -6.05
C TYR A 114 1.11 3.06 -5.20
N ALA A 115 0.80 4.09 -4.42
CA ALA A 115 -0.52 4.14 -3.81
C ALA A 115 -1.63 4.05 -4.86
N PHE A 116 -1.49 4.80 -5.96
CA PHE A 116 -2.46 4.73 -7.05
C PHE A 116 -2.62 3.31 -7.56
N LYS A 117 -1.51 2.60 -7.76
CA LYS A 117 -1.56 1.23 -8.24
C LYS A 117 -2.23 0.31 -7.25
N ILE A 118 -1.95 0.51 -5.95
CA ILE A 118 -2.56 -0.35 -4.92
C ILE A 118 -4.08 -0.21 -4.94
N TYR A 119 -4.58 1.00 -5.02
CA TYR A 119 -6.01 1.23 -4.90
C TYR A 119 -6.73 1.08 -6.24
N ASP A 120 -6.00 0.89 -7.34
CA ASP A 120 -6.60 0.58 -8.64
C ASP A 120 -6.79 -0.95 -8.69
N PHE A 121 -7.83 -1.41 -8.01
CA PHE A 121 -8.04 -2.84 -7.79
C PHE A 121 -8.19 -3.60 -9.10
N ASN A 122 -8.82 -2.99 -10.10
CA ASN A 122 -9.05 -3.67 -11.37
C ASN A 122 -7.94 -3.43 -12.39
N ASN A 123 -6.85 -2.80 -11.98
CA ASN A 123 -5.63 -2.71 -12.78
C ASN A 123 -5.89 -2.14 -14.18
N ASP A 124 -6.68 -1.08 -14.26
CA ASP A 124 -6.96 -0.46 -15.56
C ASP A 124 -6.37 0.95 -15.68
N ASP A 125 -5.48 1.34 -14.78
CA ASP A 125 -4.80 2.63 -14.75
C ASP A 125 -5.74 3.77 -14.37
N TYR A 126 -6.88 3.44 -13.77
CA TYR A 126 -7.85 4.41 -13.27
C TYR A 126 -8.39 3.92 -11.95
N ILE A 127 -8.85 4.83 -11.11
CA ILE A 127 -9.60 4.48 -9.90
C ILE A 127 -11.03 4.96 -10.12
N CYS A 128 -11.91 4.00 -10.34
CA CYS A 128 -13.32 4.26 -10.60
C CYS A 128 -14.15 4.02 -9.35
N ALA A 129 -15.47 4.18 -9.50
CA ALA A 129 -16.36 3.94 -8.37
C ALA A 129 -16.25 2.52 -7.85
N TRP A 130 -15.97 1.53 -8.71
CA TRP A 130 -15.81 0.16 -8.25
C TRP A 130 -14.51 -0.02 -7.47
N ASP A 131 -13.41 0.58 -7.94
CA ASP A 131 -12.18 0.52 -7.18
C ASP A 131 -12.36 1.21 -5.82
N LEU A 132 -13.09 2.32 -5.81
CA LEU A 132 -13.31 3.05 -4.56
C LEU A 132 -14.15 2.23 -3.60
N GLU A 133 -15.09 1.47 -4.15
CA GLU A 133 -15.93 0.62 -3.34
C GLU A 133 -15.09 -0.43 -2.63
N GLN A 134 -14.13 -1.02 -3.35
CA GLN A 134 -13.25 -2.02 -2.74
C GLN A 134 -12.42 -1.40 -1.63
N THR A 135 -11.84 -0.22 -1.90
CA THR A 135 -11.03 0.47 -0.91
C THR A 135 -11.82 0.80 0.36
N VAL A 136 -12.99 1.43 0.20
CA VAL A 136 -13.78 1.82 1.36
C VAL A 136 -14.22 0.60 2.15
N THR A 137 -14.60 -0.47 1.44
CA THR A 137 -15.05 -1.69 2.10
C THR A 137 -13.95 -2.27 2.98
N LYS A 138 -12.74 -2.40 2.43
CA LYS A 138 -11.63 -2.92 3.22
C LYS A 138 -11.28 -2.00 4.39
N LEU A 139 -11.41 -0.69 4.21
CA LEU A 139 -11.05 0.24 5.28
C LEU A 139 -11.99 0.16 6.45
N THR A 140 -13.21 -0.32 6.23
CA THR A 140 -14.25 -0.38 7.24
C THR A 140 -14.73 -1.80 7.48
N ARG A 141 -14.00 -2.79 6.94
CA ARG A 141 -14.34 -4.20 7.15
C ARG A 141 -15.82 -4.47 6.92
N GLY A 142 -16.37 -3.86 5.87
CA GLY A 142 -17.76 -4.09 5.57
C GLY A 142 -18.75 -3.56 6.57
N GLU A 143 -18.33 -2.65 7.45
CA GLU A 143 -19.23 -2.14 8.50
C GLU A 143 -20.02 -0.90 8.05
N LEU A 144 -19.83 -0.42 6.83
CA LEU A 144 -20.73 0.56 6.25
C LEU A 144 -21.71 -0.15 5.33
N SER A 145 -22.92 0.39 5.23
CA SER A 145 -23.89 -0.18 4.32
C SER A 145 -23.50 0.11 2.87
N ALA A 146 -24.04 -0.67 1.95
CA ALA A 146 -23.73 -0.47 0.54
C ALA A 146 -24.11 0.95 0.12
N GLU A 147 -25.27 1.45 0.55
CA GLU A 147 -25.64 2.82 0.29
C GLU A 147 -24.67 3.81 0.93
N GLU A 148 -24.21 3.52 2.15
CA GLU A 148 -23.27 4.41 2.82
C GLU A 148 -21.97 4.46 2.03
N VAL A 149 -21.52 3.31 1.54
CA VAL A 149 -20.31 3.28 0.73
C VAL A 149 -20.51 4.12 -0.52
N SER A 150 -21.68 4.04 -1.14
CA SER A 150 -21.89 4.76 -2.40
C SER A 150 -21.73 6.26 -2.23
N LEU A 151 -22.26 6.81 -1.14
CA LEU A 151 -22.12 8.25 -0.90
C LEU A 151 -20.65 8.62 -0.84
N VAL A 152 -19.85 7.87 -0.07
CA VAL A 152 -18.42 8.17 0.05
C VAL A 152 -17.77 8.16 -1.32
N CYS A 153 -18.06 7.11 -2.10
CA CYS A 153 -17.42 6.96 -3.40
C CYS A 153 -17.76 8.13 -4.30
N GLU A 154 -19.03 8.54 -4.29
CA GLU A 154 -19.47 9.66 -5.09
C GLU A 154 -18.80 10.95 -4.63
N LYS A 155 -18.68 11.17 -3.32
CA LYS A 155 -18.01 12.35 -2.86
C LYS A 155 -16.55 12.40 -3.26
N VAL A 156 -15.84 11.29 -3.19
CA VAL A 156 -14.45 11.28 -3.60
C VAL A 156 -14.35 11.67 -5.08
N LEU A 157 -15.21 11.11 -5.92
CA LEU A 157 -15.17 11.49 -7.33
C LEU A 157 -15.50 12.97 -7.52
N ASP A 158 -16.50 13.49 -6.80
CA ASP A 158 -16.80 14.92 -6.87
C ASP A 158 -15.58 15.74 -6.48
N GLU A 159 -14.89 15.34 -5.42
CA GLU A 159 -13.77 16.12 -4.90
C GLU A 159 -12.57 16.04 -5.84
N ALA A 160 -12.27 14.85 -6.35
CA ALA A 160 -10.95 14.59 -6.91
C ALA A 160 -10.93 14.34 -8.41
N ASP A 161 -12.08 14.14 -9.06
CA ASP A 161 -12.09 13.81 -10.49
C ASP A 161 -11.94 15.10 -11.29
N GLY A 162 -10.67 15.51 -11.49
CA GLY A 162 -10.39 16.83 -12.03
C GLY A 162 -10.75 16.98 -13.48
N ASP A 163 -10.49 15.96 -14.30
CA ASP A 163 -10.82 16.05 -15.72
C ASP A 163 -12.25 15.61 -16.00
N HIS A 164 -13.04 15.41 -14.96
CA HIS A 164 -14.49 15.21 -15.08
C HIS A 164 -14.81 14.12 -16.10
N ASP A 165 -14.21 12.94 -15.93
CA ASP A 165 -14.55 11.78 -16.74
C ASP A 165 -15.19 10.66 -15.96
N GLY A 166 -15.47 10.85 -14.67
CA GLY A 166 -16.09 9.82 -13.84
C GLY A 166 -15.13 8.89 -13.10
N ARG A 167 -13.84 9.19 -13.11
CA ARG A 167 -12.85 8.25 -12.57
C ARG A 167 -11.54 9.02 -12.39
N LEU A 168 -10.67 8.47 -11.54
CA LEU A 168 -9.45 9.13 -11.14
C LEU A 168 -8.30 8.59 -11.99
N SER A 169 -7.74 9.45 -12.83
CA SER A 169 -6.48 9.18 -13.47
C SER A 169 -5.36 9.35 -12.45
N LEU A 170 -4.16 8.90 -12.84
CA LEU A 170 -3.00 9.14 -11.98
C LEU A 170 -2.86 10.63 -11.70
N GLU A 171 -3.07 11.46 -12.72
CA GLU A 171 -2.97 12.92 -12.53
C GLU A 171 -4.01 13.43 -11.55
N ASP A 172 -5.22 12.89 -11.64
CA ASP A 172 -6.27 13.25 -10.70
C ASP A 172 -5.86 12.90 -9.29
N PHE A 173 -5.32 11.70 -9.14
CA PHE A 173 -4.95 11.18 -7.84
C PHE A 173 -3.79 11.95 -7.22
N GLN A 174 -2.74 12.19 -8.00
CA GLN A 174 -1.58 12.93 -7.52
C GLN A 174 -1.96 14.36 -7.12
N ASN A 175 -2.84 15.01 -7.88
CA ASN A 175 -3.26 16.35 -7.50
C ASN A 175 -3.93 16.35 -6.14
N MET A 176 -4.71 15.30 -5.86
CA MET A 176 -5.43 15.23 -4.59
C MET A 176 -4.50 14.85 -3.43
N ILE A 177 -3.63 13.88 -3.63
CA ILE A 177 -2.93 13.29 -2.51
C ILE A 177 -1.68 14.07 -2.12
N LEU A 178 -1.02 14.75 -3.05
CA LEU A 178 0.20 15.47 -2.70
C LEU A 178 -0.07 16.66 -1.78
N ARG A 179 -1.33 17.01 -1.61
CA ARG A 179 -1.76 18.07 -0.70
C ARG A 179 -1.95 17.54 0.73
N ALA A 180 -2.18 16.26 0.88
CA ALA A 180 -2.70 15.73 2.11
C ALA A 180 -1.60 15.68 3.16
N PRO A 181 -1.82 16.28 4.33
CA PRO A 181 -0.73 16.37 5.32
C PRO A 181 -0.38 15.04 5.98
N ASP A 182 -1.26 14.03 5.90
CA ASP A 182 -1.02 12.78 6.59
C ASP A 182 -0.72 11.64 5.63
N PHE A 183 -0.53 11.94 4.34
CA PHE A 183 -0.22 10.88 3.41
C PHE A 183 1.13 10.24 3.71
N LEU A 184 2.20 11.06 3.80
CA LEU A 184 3.51 10.48 4.09
C LEU A 184 3.57 9.83 5.47
N SER A 185 2.81 10.36 6.44
CA SER A 185 2.88 9.79 7.79
C SER A 185 2.24 8.39 7.84
N THR A 186 1.17 8.15 7.07
CA THR A 186 0.46 6.88 7.15
C THR A 186 0.90 5.86 6.08
N PHE A 187 1.32 6.32 4.92
CA PHE A 187 1.72 5.44 3.80
C PHE A 187 3.22 5.13 3.94
N HIS A 188 3.53 4.37 4.98
CA HIS A 188 4.90 4.16 5.43
C HIS A 188 4.95 2.79 6.10
N ILE A 189 5.89 1.96 5.65
CA ILE A 189 6.23 0.73 6.34
C ILE A 189 7.69 0.81 6.74
N ARG A 190 7.98 0.55 8.00
CA ARG A 190 9.33 0.48 8.53
C ARG A 190 9.73 -0.97 8.70
N ILE A 191 10.94 -1.30 8.29
CA ILE A 191 11.47 -2.63 8.52
C ILE A 191 12.97 -2.57 8.77
N ASN B 6 -10.72 21.26 3.36
CA ASN B 6 -12.14 21.13 3.03
C ASN B 6 -12.35 20.42 1.69
N THR B 7 -11.64 20.83 0.65
CA THR B 7 -11.99 20.37 -0.69
C THR B 7 -11.73 18.88 -0.91
N PHE B 8 -10.91 18.22 -0.08
CA PHE B 8 -10.61 16.79 -0.23
C PHE B 8 -11.00 16.00 1.01
N ASN B 9 -12.10 16.40 1.65
CA ASN B 9 -12.54 15.83 2.91
C ASN B 9 -12.67 14.32 2.85
N PHE B 10 -13.55 13.82 2.00
CA PHE B 10 -13.71 12.36 1.91
C PHE B 10 -12.50 11.72 1.23
N SER B 11 -11.91 12.40 0.24
CA SER B 11 -10.75 11.81 -0.45
C SER B 11 -9.62 11.46 0.52
N TRP B 12 -9.29 12.38 1.43
CA TRP B 12 -8.22 12.10 2.39
C TRP B 12 -8.64 11.05 3.40
N LYS B 13 -9.95 10.94 3.69
CA LYS B 13 -10.41 9.82 4.54
C LYS B 13 -10.23 8.47 3.86
N VAL B 14 -10.41 8.39 2.55
CA VAL B 14 -10.29 7.11 1.86
C VAL B 14 -8.83 6.74 1.63
N PHE B 15 -7.96 7.72 1.34
CA PHE B 15 -6.60 7.41 0.94
C PHE B 15 -5.52 7.74 1.96
N CYS B 16 -5.85 8.37 3.08
CA CYS B 16 -4.85 8.67 4.10
C CYS B 16 -5.28 8.24 5.50
N SER B 17 -6.13 7.22 5.57
CA SER B 17 -6.64 6.73 6.84
C SER B 17 -5.90 5.55 7.45
N TRP B 18 -5.61 4.52 6.67
CA TRP B 18 -4.95 3.38 7.27
C TRP B 18 -3.50 3.68 7.61
N ASP B 19 -3.08 3.36 8.83
CA ASP B 19 -1.71 3.60 9.25
C ASP B 19 -0.95 2.33 8.93
N TYR B 20 -0.15 2.38 7.87
CA TYR B 20 0.61 1.20 7.42
C TYR B 20 1.67 0.75 8.42
N LEU B 21 1.95 1.51 9.47
CA LEU B 21 2.86 1.06 10.52
C LEU B 21 2.20 0.12 11.53
N ILE B 22 0.89 -0.10 11.43
CA ILE B 22 0.20 -0.94 12.42
C ILE B 22 0.54 -2.41 12.18
N GLY B 23 0.97 -3.08 13.24
CA GLY B 23 1.38 -4.48 13.19
C GLY B 23 0.91 -5.30 14.38
N ASN B 24 -0.15 -4.84 15.06
CA ASN B 24 -0.77 -5.55 16.17
C ASN B 24 -2.27 -5.63 15.90
N PRO B 25 -2.91 -6.78 16.16
CA PRO B 25 -4.34 -6.87 15.77
C PRO B 25 -5.28 -6.04 16.66
N GLU B 26 -4.93 -5.81 17.93
CA GLU B 26 -5.76 -4.94 18.76
C GLU B 26 -5.67 -3.51 18.28
N THR B 27 -4.45 -3.04 18.04
CA THR B 27 -4.29 -1.71 17.49
C THR B 27 -5.05 -1.59 16.18
N ALA B 28 -4.97 -2.62 15.33
CA ALA B 28 -5.69 -2.60 14.06
C ALA B 28 -7.21 -2.54 14.27
N ASP B 29 -7.73 -3.36 15.18
CA ASP B 29 -9.15 -3.33 15.50
C ASP B 29 -9.59 -1.93 15.90
N ASN B 30 -8.84 -1.28 16.78
CA ASN B 30 -9.18 0.07 17.25
C ASN B 30 -9.19 1.05 16.07
N LYS B 31 -8.23 0.89 15.14
CA LYS B 31 -8.14 1.82 14.02
C LYS B 31 -9.31 1.65 13.07
N PHE B 32 -9.66 0.39 12.75
CA PHE B 32 -10.85 0.16 11.95
C PHE B 32 -12.08 0.81 12.59
N ASN B 33 -12.24 0.66 13.91
CA ASN B 33 -13.40 1.25 14.58
C ASN B 33 -13.36 2.76 14.44
N SER B 34 -12.17 3.34 14.62
CA SER B 34 -12.01 4.79 14.56
C SER B 34 -12.36 5.31 13.18
N ILE B 35 -11.79 4.66 12.15
CA ILE B 35 -12.04 5.05 10.77
C ILE B 35 -13.52 4.96 10.43
N THR B 36 -14.13 3.84 10.81
CA THR B 36 -15.56 3.63 10.50
C THR B 36 -16.41 4.69 11.17
N MET B 37 -16.15 4.98 12.43
CA MET B 37 -16.94 6.00 13.11
C MET B 37 -16.70 7.36 12.47
N ASN B 38 -15.47 7.63 12.04
CA ASN B 38 -15.18 8.90 11.39
C ASN B 38 -15.97 9.04 10.09
N PHE B 39 -16.03 7.98 9.28
CA PHE B 39 -16.86 8.02 8.08
C PHE B 39 -18.33 8.30 8.42
N LYS B 40 -18.84 7.67 9.47
CA LYS B 40 -20.25 7.89 9.83
C LYS B 40 -20.49 9.35 10.23
N GLU B 41 -19.63 9.91 11.05
CA GLU B 41 -19.69 11.32 11.39
C GLU B 41 -19.68 12.20 10.15
N ALA B 42 -18.74 11.95 9.23
CA ALA B 42 -18.64 12.76 8.03
C ALA B 42 -19.90 12.64 7.17
N ILE B 43 -20.43 11.44 7.08
CA ILE B 43 -21.64 11.21 6.31
C ILE B 43 -22.81 11.99 6.92
N ILE B 44 -22.89 12.02 8.24
CA ILE B 44 -23.95 12.74 8.93
C ILE B 44 -23.87 14.23 8.62
N GLU B 45 -22.66 14.78 8.68
CA GLU B 45 -22.46 16.20 8.35
C GLU B 45 -22.78 16.46 6.88
N GLU B 46 -22.42 15.52 6.01
CA GLU B 46 -22.62 15.73 4.58
C GLU B 46 -24.10 15.78 4.23
N ARG B 47 -24.91 14.89 4.83
CA ARG B 47 -26.34 14.93 4.57
C ARG B 47 -26.95 16.22 5.13
N ALA B 48 -26.45 16.67 6.27
CA ALA B 48 -26.89 17.96 6.82
C ALA B 48 -26.56 19.10 5.87
N ALA B 49 -25.38 19.07 5.26
CA ALA B 49 -25.04 20.05 4.24
C ALA B 49 -26.01 19.98 3.06
N GLN B 50 -26.34 18.77 2.63
CA GLN B 50 -27.33 18.57 1.58
C GLN B 50 -28.62 19.30 1.94
MG MG C . -9.21 0.83 -11.79
MG MG D . -10.86 11.94 -14.04
#